data_7G8V
#
_entry.id   7G8V
#
_cell.length_a   71.015
_cell.length_b   71.015
_cell.length_c   196.333
_cell.angle_alpha   90.000
_cell.angle_beta   90.000
_cell.angle_gamma   90.000
#
_symmetry.space_group_name_H-M   'P 43 21 2'
#
loop_
_entity.id
_entity.type
_entity.pdbx_description
1 polymer 'Transforming protein RhoA'
2 polymer 'Rho guanine nucleotide exchange factor 2'
3 non-polymer N-[(4R)-3,4-dihydro-2H-1-benzopyran-4-yl]methanesulfonamide
4 non-polymer 'DIMETHYL SULFOXIDE'
5 non-polymer 'FORMIC ACID'
6 water water
#
loop_
_entity_poly.entity_id
_entity_poly.type
_entity_poly.pdbx_seq_one_letter_code
_entity_poly.pdbx_strand_id
1 'polypeptide(L)'
;SMAAIRKKLVIVGDGACGKTCLLIVFSKDQFPEVYVPTVFENYVADIEVDGKQVELALWDTAGQEDYDRLRPLSYPDTDV
ILMCFSIDSPDSLENIPEKWTPEVKHFCPNVPIILVGNKKDLRNDEHTRRELAKMKQEPVKPEEGRDMANRIGAFGYMEC
SAKTKDGVREVFEMATRAALQARRG
;
A
2 'polypeptide(L)'
;SMEMDEKDFAADSWSLAVDSSFLQQHKKEVMKQQDVIYELIQTELHHVRTLKIMTRLFRTGMLEELHLEPGVVQGLFPCV
DELSDIHTRFLSQLLERRRQALCPGSTRNFVIHRLGDLLISQFSGPSAEQMCKTYSEFCSRHSKALKLYKELYARDKRFQ
QFIRKVTRPAVLKRHGVQECILLVTQRITKYPLLISRILQHSHGIEEERQDLTTALGLVKELLSNVDEGIYQLEKGARLQ
EIYNR
;
B
#
# COMPACT_ATOMS: atom_id res chain seq x y z
N ALA A 4 -2.75 22.24 -11.94
CA ALA A 4 -1.91 21.68 -10.88
C ALA A 4 -0.92 20.67 -11.47
N ILE A 5 0.31 20.67 -10.98
CA ILE A 5 1.33 19.75 -11.46
C ILE A 5 1.29 18.50 -10.57
N ARG A 6 1.54 17.33 -11.14
CA ARG A 6 1.53 16.08 -10.39
C ARG A 6 2.94 15.73 -9.88
N LYS A 7 3.07 15.42 -8.59
CA LYS A 7 4.33 14.99 -7.96
C LYS A 7 4.10 13.74 -7.16
N LYS A 8 5.16 12.93 -6.95
CA LYS A 8 5.04 11.67 -6.22
C LYS A 8 5.96 11.68 -5.00
N LEU A 9 5.39 11.26 -3.84
CA LEU A 9 6.11 11.17 -2.57
C LEU A 9 6.07 9.73 -2.12
N VAL A 10 7.20 9.24 -1.60
CA VAL A 10 7.28 7.91 -1.02
C VAL A 10 7.90 8.05 0.36
N ILE A 11 7.34 7.33 1.38
CA ILE A 11 7.92 7.37 2.71
CA ILE A 11 7.91 7.35 2.73
C ILE A 11 8.62 6.03 2.98
N VAL A 12 9.84 6.10 3.51
CA VAL A 12 10.64 4.93 3.81
CA VAL A 12 10.71 4.98 3.76
C VAL A 12 11.08 4.99 5.27
N GLY A 13 11.52 3.85 5.80
CA GLY A 13 11.93 3.77 7.20
C GLY A 13 11.60 2.39 7.76
N ASP A 14 12.12 2.12 8.97
CA ASP A 14 11.89 0.82 9.59
C ASP A 14 10.41 0.60 9.94
N GLY A 15 10.07 -0.68 10.17
CA GLY A 15 8.71 -1.04 10.54
C GLY A 15 8.11 -0.28 11.71
N ALA A 16 8.90 0.04 12.76
CA ALA A 16 8.31 0.78 13.92
C ALA A 16 8.41 2.32 13.83
N CYS A 17 8.64 2.87 12.63
CA CYS A 17 8.92 4.29 12.52
C CYS A 17 7.69 5.21 12.52
N GLY A 18 6.46 4.68 12.34
CA GLY A 18 5.25 5.49 12.30
C GLY A 18 4.89 6.09 10.93
N LYS A 19 5.49 5.57 9.85
CA LYS A 19 5.21 6.11 8.51
CA LYS A 19 5.22 6.10 8.51
C LYS A 19 3.76 5.93 8.10
N THR A 20 3.16 4.77 8.44
CA THR A 20 1.76 4.56 8.03
C THR A 20 0.84 5.56 8.74
N CYS A 21 1.03 5.71 10.04
CA CYS A 21 0.20 6.63 10.84
CA CYS A 21 0.20 6.63 10.82
C CYS A 21 0.34 8.07 10.35
N LEU A 22 1.57 8.46 9.98
CA LEU A 22 1.79 9.81 9.47
C LEU A 22 0.96 10.06 8.17
N LEU A 23 1.01 9.10 7.21
CA LEU A 23 0.21 9.28 5.97
C LEU A 23 -1.31 9.29 6.28
N ILE A 24 -1.75 8.45 7.21
CA ILE A 24 -3.20 8.39 7.54
C ILE A 24 -3.67 9.73 8.11
N VAL A 25 -2.92 10.24 9.09
CA VAL A 25 -3.29 11.50 9.75
C VAL A 25 -3.29 12.68 8.78
N PHE A 26 -2.26 12.76 7.90
CA PHE A 26 -2.23 13.86 6.94
C PHE A 26 -3.42 13.76 5.96
N SER A 27 -3.68 12.53 5.40
CA SER A 27 -4.70 12.40 4.37
C SER A 27 -6.12 12.61 4.90
N LYS A 28 -6.35 12.33 6.18
CA LYS A 28 -7.67 12.56 6.79
C LYS A 28 -7.74 13.93 7.50
N ASP A 29 -6.59 14.61 7.74
CA ASP A 29 -6.47 15.85 8.54
C ASP A 29 -6.99 15.59 9.96
N GLN A 30 -6.75 14.38 10.50
CA GLN A 30 -7.29 14.01 11.80
C GLN A 30 -6.61 12.74 12.31
N PHE A 31 -6.42 12.60 13.63
CA PHE A 31 -5.95 11.33 14.18
C PHE A 31 -7.30 10.59 14.40
N PRO A 32 -7.57 9.51 13.66
CA PRO A 32 -8.88 8.82 13.78
C PRO A 32 -9.30 8.49 15.20
N GLU A 33 -10.52 8.88 15.57
CA GLU A 33 -11.02 8.68 16.93
C GLU A 33 -11.63 7.33 17.20
N VAL A 34 -12.03 6.60 16.16
CA VAL A 34 -12.70 5.30 16.36
C VAL A 34 -11.80 4.13 16.00
N TYR A 35 -11.17 4.19 14.83
CA TYR A 35 -10.33 3.08 14.37
C TYR A 35 -9.13 3.58 13.60
N VAL A 36 -7.92 3.19 14.00
CA VAL A 36 -6.73 3.59 13.27
C VAL A 36 -6.43 2.48 12.25
N PRO A 37 -6.51 2.76 10.95
CA PRO A 37 -6.22 1.73 9.95
C PRO A 37 -4.86 1.06 10.11
N THR A 38 -4.82 -0.24 9.77
CA THR A 38 -3.57 -0.99 9.79
C THR A 38 -2.70 -0.64 8.57
N VAL A 39 -3.35 -0.40 7.40
CA VAL A 39 -2.60 -0.15 6.18
C VAL A 39 -3.06 1.16 5.48
N PHE A 40 -2.23 1.62 4.51
CA PHE A 40 -2.53 2.80 3.74
C PHE A 40 -2.40 2.37 2.26
N GLU A 41 -3.42 2.62 1.43
CA GLU A 41 -3.37 2.18 0.02
C GLU A 41 -2.59 3.24 -0.77
N ASN A 42 -3.21 4.38 -1.07
CA ASN A 42 -2.53 5.55 -1.64
C ASN A 42 -3.47 6.75 -1.44
N TYR A 43 -3.03 7.95 -1.86
CA TYR A 43 -3.88 9.12 -1.73
C TYR A 43 -3.28 10.19 -2.64
N VAL A 44 -4.12 11.08 -3.19
CA VAL A 44 -3.58 12.18 -3.99
C VAL A 44 -4.06 13.45 -3.29
N ALA A 45 -3.14 14.16 -2.60
CA ALA A 45 -3.49 15.35 -1.84
C ALA A 45 -3.44 16.60 -2.70
N ASP A 46 -4.42 17.52 -2.54
CA ASP A 46 -4.36 18.81 -3.25
C ASP A 46 -3.67 19.75 -2.27
N ILE A 47 -2.48 20.24 -2.63
CA ILE A 47 -1.69 21.10 -1.75
CA ILE A 47 -1.76 21.13 -1.74
C ILE A 47 -1.33 22.38 -2.47
N GLU A 48 -1.50 23.56 -1.86
CA GLU A 48 -1.05 24.80 -2.47
CA GLU A 48 -1.07 24.81 -2.46
C GLU A 48 0.04 25.33 -1.56
N VAL A 49 1.27 25.42 -2.08
CA VAL A 49 2.39 25.88 -1.24
C VAL A 49 3.11 27.01 -1.94
N ASP A 50 3.27 28.15 -1.26
CA ASP A 50 3.92 29.31 -1.83
C ASP A 50 3.32 29.73 -3.18
N GLY A 51 1.98 29.64 -3.27
CA GLY A 51 1.23 30.04 -4.45
C GLY A 51 1.18 29.03 -5.57
N LYS A 52 1.79 27.85 -5.40
CA LYS A 52 1.79 26.82 -6.46
C LYS A 52 0.88 25.66 -6.12
N GLN A 53 0.00 25.24 -7.06
CA GLN A 53 -0.90 24.12 -6.80
CA GLN A 53 -0.92 24.14 -6.81
C GLN A 53 -0.32 22.81 -7.27
N VAL A 54 -0.29 21.80 -6.37
CA VAL A 54 0.27 20.51 -6.73
C VAL A 54 -0.69 19.37 -6.36
N GLU A 55 -0.72 18.31 -7.18
CA GLU A 55 -1.43 17.09 -6.80
C GLU A 55 -0.30 16.18 -6.29
N LEU A 56 -0.25 15.92 -5.00
CA LEU A 56 0.86 15.13 -4.44
C LEU A 56 0.40 13.73 -4.13
N ALA A 57 0.87 12.74 -4.92
CA ALA A 57 0.49 11.33 -4.72
C ALA A 57 1.34 10.77 -3.58
N LEU A 58 0.71 10.12 -2.61
CA LEU A 58 1.39 9.63 -1.40
C LEU A 58 1.46 8.11 -1.38
N TRP A 59 2.66 7.54 -1.11
CA TRP A 59 2.83 6.09 -1.04
C TRP A 59 3.62 5.67 0.21
N ASP A 60 3.27 4.50 0.74
CA ASP A 60 3.90 3.87 1.90
C ASP A 60 4.71 2.65 1.43
N THR A 61 5.82 2.34 2.11
CA THR A 61 6.61 1.12 1.85
C THR A 61 6.39 0.08 3.00
N ALA A 62 5.46 0.33 3.95
CA ALA A 62 5.17 -0.60 5.04
C ALA A 62 4.77 -1.96 4.44
N GLY A 63 5.33 -3.01 5.01
CA GLY A 63 5.16 -4.38 4.57
C GLY A 63 6.22 -4.83 3.58
N GLN A 64 6.99 -3.85 3.01
CA GLN A 64 8.03 -4.23 2.01
C GLN A 64 9.44 -4.27 2.61
N GLU A 65 9.60 -3.99 3.91
CA GLU A 65 10.93 -3.91 4.53
C GLU A 65 11.75 -5.20 4.42
N ASP A 66 11.10 -6.38 4.40
CA ASP A 66 11.83 -7.65 4.32
C ASP A 66 12.02 -8.18 2.87
N TYR A 67 11.47 -7.48 1.87
CA TYR A 67 11.44 -7.97 0.48
C TYR A 67 12.22 -7.04 -0.43
N ASP A 68 13.52 -7.33 -0.58
CA ASP A 68 14.47 -6.46 -1.30
C ASP A 68 14.25 -6.32 -2.81
N ARG A 69 13.50 -7.24 -3.44
CA ARG A 69 13.19 -7.11 -4.86
C ARG A 69 11.81 -6.51 -5.12
N LEU A 70 10.87 -6.66 -4.16
CA LEU A 70 9.56 -6.02 -4.32
C LEU A 70 9.65 -4.53 -3.95
N ARG A 71 10.38 -4.23 -2.87
CA ARG A 71 10.43 -2.86 -2.32
C ARG A 71 10.83 -1.79 -3.35
N PRO A 72 11.88 -2.03 -4.17
CA PRO A 72 12.29 -0.99 -5.13
C PRO A 72 11.24 -0.65 -6.17
N LEU A 73 10.21 -1.51 -6.35
CA LEU A 73 9.14 -1.20 -7.31
C LEU A 73 8.30 0.02 -6.87
N SER A 74 8.42 0.44 -5.59
CA SER A 74 7.74 1.61 -5.11
C SER A 74 8.49 2.91 -5.58
N TYR A 75 9.80 2.82 -5.93
CA TYR A 75 10.58 4.03 -6.22
C TYR A 75 10.47 4.72 -7.62
N PRO A 76 10.12 4.06 -8.76
CA PRO A 76 10.11 4.81 -10.05
C PRO A 76 9.40 6.15 -10.04
N ASP A 77 10.08 7.16 -10.58
CA ASP A 77 9.57 8.50 -10.76
C ASP A 77 9.16 9.20 -9.49
N THR A 78 9.81 8.85 -8.35
CA THR A 78 9.56 9.58 -7.11
C THR A 78 10.18 11.00 -7.21
N ASP A 79 9.45 12.03 -6.73
CA ASP A 79 9.92 13.41 -6.71
C ASP A 79 10.44 13.86 -5.33
N VAL A 80 10.00 13.21 -4.25
CA VAL A 80 10.47 13.56 -2.92
C VAL A 80 10.38 12.33 -2.03
N ILE A 81 11.41 12.10 -1.20
CA ILE A 81 11.43 11.01 -0.24
C ILE A 81 11.27 11.55 1.17
N LEU A 82 10.36 10.97 1.97
CA LEU A 82 10.37 11.24 3.41
C LEU A 82 11.08 10.02 4.02
N MET A 83 12.20 10.24 4.72
CA MET A 83 12.92 9.13 5.34
CA MET A 83 12.98 9.17 5.34
C MET A 83 12.68 9.25 6.84
N CYS A 84 11.90 8.31 7.37
CA CYS A 84 11.44 8.37 8.71
CA CYS A 84 11.43 8.36 8.76
C CYS A 84 12.18 7.49 9.74
N PHE A 85 12.22 7.96 10.98
CA PHE A 85 12.68 7.21 12.15
C PHE A 85 11.75 7.65 13.28
N SER A 86 11.67 6.86 14.36
CA SER A 86 10.86 7.25 15.49
C SER A 86 11.77 7.78 16.59
N ILE A 87 11.35 8.90 17.21
CA ILE A 87 12.13 9.52 18.29
C ILE A 87 12.20 8.61 19.54
N ASP A 88 11.20 7.70 19.72
CA ASP A 88 11.25 6.70 20.81
C ASP A 88 12.10 5.46 20.46
N SER A 89 12.82 5.48 19.33
CA SER A 89 13.59 4.33 18.92
C SER A 89 14.93 4.75 18.34
N PRO A 90 15.96 4.96 19.17
CA PRO A 90 17.30 5.29 18.63
C PRO A 90 17.81 4.22 17.64
N ASP A 91 17.33 2.95 17.76
CA ASP A 91 17.68 1.86 16.82
C ASP A 91 17.17 2.19 15.39
N SER A 92 15.97 2.80 15.27
CA SER A 92 15.45 3.19 13.96
C SER A 92 16.32 4.29 13.30
N LEU A 93 17.01 5.11 14.11
CA LEU A 93 17.88 6.16 13.58
C LEU A 93 19.21 5.57 13.09
N GLU A 94 19.72 4.55 13.79
CA GLU A 94 20.98 3.89 13.42
C GLU A 94 20.90 3.20 12.02
N ASN A 95 19.72 2.73 11.61
CA ASN A 95 19.55 2.07 10.30
C ASN A 95 19.45 3.06 9.12
N ILE A 96 19.35 4.35 9.40
CA ILE A 96 19.26 5.35 8.35
C ILE A 96 20.52 5.46 7.45
N PRO A 97 21.75 5.66 8.01
CA PRO A 97 22.88 6.00 7.12
C PRO A 97 23.42 4.94 6.18
N GLU A 98 23.44 3.69 6.60
CA GLU A 98 24.07 2.66 5.78
C GLU A 98 23.07 1.59 5.25
N LYS A 99 21.75 1.76 5.47
CA LYS A 99 20.77 0.86 4.87
C LYS A 99 19.79 1.67 4.00
N TRP A 100 18.96 2.51 4.62
CA TRP A 100 17.99 3.30 3.86
C TRP A 100 18.61 4.32 2.92
N THR A 101 19.67 5.02 3.38
CA THR A 101 20.25 6.09 2.58
C THR A 101 20.88 5.56 1.29
N PRO A 102 21.81 4.58 1.32
CA PRO A 102 22.39 4.13 0.03
C PRO A 102 21.32 3.52 -0.90
N GLU A 103 20.27 2.89 -0.33
CA GLU A 103 19.22 2.32 -1.19
C GLU A 103 18.48 3.44 -1.95
N VAL A 104 18.03 4.46 -1.23
CA VAL A 104 17.28 5.55 -1.86
C VAL A 104 18.20 6.32 -2.82
N LYS A 105 19.49 6.50 -2.47
CA LYS A 105 20.37 7.23 -3.38
C LYS A 105 20.60 6.46 -4.69
N HIS A 106 20.52 5.14 -4.65
CA HIS A 106 20.71 4.30 -5.84
C HIS A 106 19.48 4.34 -6.74
N PHE A 107 18.28 4.09 -6.15
CA PHE A 107 17.04 4.02 -6.95
C PHE A 107 16.39 5.37 -7.27
N CYS A 108 16.73 6.41 -6.48
CA CYS A 108 16.14 7.77 -6.63
C CYS A 108 17.28 8.80 -6.70
N PRO A 109 18.18 8.70 -7.68
CA PRO A 109 19.30 9.64 -7.74
C PRO A 109 18.81 11.08 -7.90
N ASN A 110 19.42 11.99 -7.14
CA ASN A 110 19.12 13.41 -7.17
C ASN A 110 17.73 13.79 -6.62
N VAL A 111 17.03 12.84 -5.98
CA VAL A 111 15.73 13.16 -5.41
C VAL A 111 15.96 13.67 -4.00
N PRO A 112 15.36 14.82 -3.63
CA PRO A 112 15.55 15.32 -2.25
C PRO A 112 14.99 14.36 -1.23
N ILE A 113 15.73 14.21 -0.12
CA ILE A 113 15.34 13.40 1.02
C ILE A 113 15.11 14.32 2.19
N ILE A 114 13.96 14.20 2.84
CA ILE A 114 13.74 14.95 4.08
C ILE A 114 13.74 13.92 5.18
N LEU A 115 14.66 14.08 6.17
CA LEU A 115 14.73 13.15 7.31
C LEU A 115 13.69 13.64 8.34
N VAL A 116 12.76 12.76 8.74
CA VAL A 116 11.66 13.14 9.63
C VAL A 116 11.72 12.31 10.90
N GLY A 117 11.74 13.00 12.03
CA GLY A 117 11.68 12.36 13.33
C GLY A 117 10.20 12.30 13.73
N ASN A 118 9.61 11.09 13.73
CA ASN A 118 8.22 10.88 14.10
CA ASN A 118 8.20 10.94 14.11
C ASN A 118 8.03 10.67 15.61
N LYS A 119 6.76 10.72 16.11
CA LYS A 119 6.43 10.48 17.51
C LYS A 119 7.20 11.41 18.44
N LYS A 120 7.29 12.69 18.09
CA LYS A 120 8.05 13.64 18.91
C LYS A 120 7.44 13.85 20.30
N ASP A 121 6.13 13.53 20.45
CA ASP A 121 5.40 13.61 21.72
C ASP A 121 5.97 12.61 22.75
N LEU A 122 6.71 11.56 22.31
CA LEU A 122 7.27 10.57 23.24
C LEU A 122 8.62 10.98 23.87
N ARG A 123 9.21 12.08 23.39
CA ARG A 123 10.47 12.58 23.93
C ARG A 123 10.34 12.93 25.42
N ASN A 124 9.14 13.38 25.85
CA ASN A 124 8.87 13.72 27.25
C ASN A 124 7.82 12.78 27.88
N ASP A 125 7.76 11.53 27.41
CA ASP A 125 6.85 10.53 27.94
C ASP A 125 7.61 9.67 28.96
N GLU A 126 7.13 9.62 30.22
CA GLU A 126 7.85 8.91 31.27
C GLU A 126 7.94 7.42 31.04
N HIS A 127 6.88 6.79 30.53
CA HIS A 127 6.91 5.36 30.23
C HIS A 127 8.00 5.05 29.18
N THR A 128 8.07 5.89 28.12
CA THR A 128 9.08 5.74 27.07
C THR A 128 10.48 5.87 27.67
N ARG A 129 10.71 6.90 28.50
CA ARG A 129 12.03 7.12 29.10
C ARG A 129 12.45 5.96 30.01
N ARG A 130 11.49 5.34 30.72
CA ARG A 130 11.80 4.22 31.60
C ARG A 130 12.16 2.98 30.77
N GLU A 131 11.38 2.68 29.73
CA GLU A 131 11.63 1.52 28.88
C GLU A 131 12.99 1.61 28.17
N LEU A 132 13.34 2.79 27.64
CA LEU A 132 14.63 2.98 26.97
C LEU A 132 15.82 2.91 27.94
N ALA A 133 15.66 3.43 29.17
CA ALA A 133 16.71 3.41 30.20
C ALA A 133 17.17 2.00 30.59
N LYS A 134 16.33 0.98 30.37
CA LYS A 134 16.69 -0.42 30.65
C LYS A 134 17.74 -0.92 29.63
N MET A 135 17.73 -0.39 28.39
CA MET A 135 18.73 -0.75 27.38
C MET A 135 19.83 0.32 27.27
N LYS A 136 20.05 1.14 28.33
CA LYS A 136 21.02 2.23 28.38
C LYS A 136 20.77 3.22 27.25
N GLN A 137 19.49 3.53 26.99
CA GLN A 137 19.12 4.45 25.91
C GLN A 137 18.26 5.63 26.38
N GLU A 138 18.04 6.61 25.50
CA GLU A 138 17.16 7.74 25.76
C GLU A 138 16.51 8.17 24.44
N PRO A 139 15.35 8.88 24.47
CA PRO A 139 14.76 9.31 23.19
C PRO A 139 15.76 10.11 22.35
N VAL A 140 15.61 10.06 21.01
CA VAL A 140 16.52 10.79 20.12
C VAL A 140 16.45 12.29 20.43
N LYS A 141 17.61 12.93 20.55
CA LYS A 141 17.67 14.36 20.82
C LYS A 141 17.54 15.13 19.49
N PRO A 142 17.03 16.37 19.52
CA PRO A 142 16.91 17.13 18.25
C PRO A 142 18.24 17.28 17.50
N GLU A 143 19.35 17.52 18.22
CA GLU A 143 20.66 17.65 17.57
C GLU A 143 21.11 16.34 16.96
N GLU A 144 20.69 15.18 17.52
CA GLU A 144 21.06 13.90 16.93
C GLU A 144 20.32 13.71 15.60
N GLY A 145 19.07 14.13 15.53
CA GLY A 145 18.33 14.08 14.28
C GLY A 145 18.93 15.00 13.22
N ARG A 146 19.22 16.27 13.62
CA ARG A 146 19.81 17.23 12.68
C ARG A 146 21.17 16.73 12.17
N ASP A 147 22.03 16.21 13.07
CA ASP A 147 23.35 15.74 12.64
C ASP A 147 23.26 14.59 11.67
N MET A 148 22.26 13.69 11.88
CA MET A 148 22.11 12.56 10.94
C MET A 148 21.67 13.10 9.57
N ALA A 149 20.70 14.02 9.55
CA ALA A 149 20.22 14.60 8.29
C ALA A 149 21.38 15.31 7.56
N ASN A 150 22.22 16.01 8.32
CA ASN A 150 23.37 16.71 7.73
C ASN A 150 24.33 15.69 7.09
N ARG A 151 24.71 14.64 7.85
CA ARG A 151 25.62 13.59 7.40
C ARG A 151 25.16 12.86 6.12
N ILE A 152 23.86 12.52 6.06
CA ILE A 152 23.35 11.76 4.91
C ILE A 152 23.04 12.62 3.66
N GLY A 153 23.26 13.94 3.72
CA GLY A 153 22.97 14.77 2.55
C GLY A 153 21.50 15.06 2.35
N ALA A 154 20.72 15.05 3.46
CA ALA A 154 19.28 15.34 3.38
C ALA A 154 19.06 16.80 3.00
N PHE A 155 17.95 17.04 2.29
CA PHE A 155 17.51 18.38 1.94
C PHE A 155 17.20 19.17 3.25
N GLY A 156 16.68 18.48 4.26
CA GLY A 156 16.41 19.10 5.55
C GLY A 156 15.99 18.11 6.60
N TYR A 157 15.78 18.60 7.82
CA TYR A 157 15.38 17.81 8.98
C TYR A 157 14.12 18.42 9.61
N MET A 158 13.12 17.56 9.85
CA MET A 158 11.86 18.02 10.45
C MET A 158 11.37 17.01 11.49
N GLU A 159 10.53 17.46 12.44
CA GLU A 159 9.95 16.54 13.44
C GLU A 159 8.41 16.71 13.42
N CYS A 160 7.69 15.66 13.83
CA CYS A 160 6.24 15.76 13.91
C CYS A 160 5.68 14.73 14.89
N SER A 161 4.39 14.88 15.22
CA SER A 161 3.70 13.89 16.01
C SER A 161 2.38 13.57 15.28
N ALA A 162 2.22 12.35 14.76
CA ALA A 162 0.94 11.97 14.15
C ALA A 162 -0.19 11.99 15.23
N LYS A 163 0.14 11.61 16.47
CA LYS A 163 -0.83 11.60 17.58
C LYS A 163 -1.50 12.95 17.87
N THR A 164 -0.72 14.03 17.93
CA THR A 164 -1.29 15.36 18.19
C THR A 164 -1.50 16.19 16.92
N LYS A 165 -1.00 15.70 15.75
CA LYS A 165 -0.98 16.39 14.44
C LYS A 165 0.09 17.50 14.36
N ASP A 166 0.79 17.81 15.46
CA ASP A 166 1.78 18.88 15.45
C ASP A 166 2.90 18.61 14.48
N GLY A 167 3.09 19.55 13.55
CA GLY A 167 4.17 19.46 12.57
C GLY A 167 3.85 18.66 11.32
N VAL A 168 2.68 17.98 11.29
CA VAL A 168 2.36 17.14 10.15
C VAL A 168 2.12 17.94 8.90
N ARG A 169 1.28 19.00 8.97
CA ARG A 169 1.05 19.80 7.77
C ARG A 169 2.34 20.41 7.21
N GLU A 170 3.20 20.89 8.11
CA GLU A 170 4.45 21.52 7.70
C GLU A 170 5.38 20.55 6.94
N VAL A 171 5.41 19.26 7.37
CA VAL A 171 6.23 18.25 6.71
C VAL A 171 5.80 18.10 5.24
N PHE A 172 4.46 17.93 5.01
CA PHE A 172 3.99 17.71 3.64
C PHE A 172 4.06 18.99 2.76
N GLU A 173 3.91 20.20 3.36
CA GLU A 173 4.05 21.42 2.56
C GLU A 173 5.53 21.55 2.15
N MET A 174 6.49 21.25 3.06
CA MET A 174 7.91 21.33 2.71
C MET A 174 8.26 20.22 1.68
N ALA A 175 7.69 19.00 1.82
CA ALA A 175 7.92 17.95 0.83
C ALA A 175 7.46 18.41 -0.56
N THR A 176 6.36 19.17 -0.62
CA THR A 176 5.83 19.68 -1.88
C THR A 176 6.82 20.68 -2.47
N ARG A 177 7.31 21.61 -1.64
CA ARG A 177 8.34 22.58 -2.11
C ARG A 177 9.60 21.84 -2.64
N ALA A 178 10.07 20.81 -1.91
CA ALA A 178 11.26 20.05 -2.35
C ALA A 178 11.02 19.37 -3.68
N ALA A 179 9.80 18.78 -3.86
CA ALA A 179 9.46 18.12 -5.12
C ALA A 179 9.41 19.10 -6.30
N LEU A 180 9.06 20.36 -6.04
CA LEU A 180 8.97 21.38 -7.07
C LEU A 180 10.34 21.88 -7.53
N GLN A 181 11.37 21.83 -6.65
CA GLN A 181 12.71 22.34 -6.98
C GLN A 181 13.38 21.55 -8.09
N SER B 1 -16.94 -1.57 -8.23
CA SER B 1 -17.66 -2.34 -7.21
CA SER B 1 -17.66 -2.37 -7.24
C SER B 1 -19.17 -2.22 -7.40
N MET B 2 -19.94 -3.18 -6.86
CA MET B 2 -21.39 -3.12 -6.93
C MET B 2 -21.93 -2.41 -5.69
N GLU B 3 -23.04 -1.68 -5.84
CA GLU B 3 -23.60 -0.84 -4.79
C GLU B 3 -23.85 -1.56 -3.47
N MET B 4 -24.36 -2.82 -3.54
CA MET B 4 -24.61 -3.58 -2.31
CA MET B 4 -24.61 -3.66 -2.36
C MET B 4 -23.36 -3.73 -1.45
N ASP B 5 -22.23 -4.10 -2.06
CA ASP B 5 -20.98 -4.28 -1.32
C ASP B 5 -20.37 -2.95 -0.89
N GLU B 6 -20.50 -1.93 -1.75
CA GLU B 6 -19.96 -0.59 -1.41
C GLU B 6 -20.66 -0.06 -0.15
N LYS B 7 -21.99 -0.22 -0.09
CA LYS B 7 -22.72 0.27 1.08
C LYS B 7 -22.38 -0.54 2.32
N ASP B 8 -22.19 -1.87 2.16
CA ASP B 8 -21.84 -2.73 3.31
C ASP B 8 -20.46 -2.35 3.88
N PHE B 9 -19.58 -1.77 3.06
CA PHE B 9 -18.23 -1.39 3.49
C PHE B 9 -18.01 0.13 3.37
N ALA B 10 -19.08 0.94 3.46
CA ALA B 10 -18.95 2.41 3.38
C ALA B 10 -18.38 2.99 4.67
N ALA B 11 -18.72 2.39 5.84
CA ALA B 11 -18.28 2.94 7.13
C ALA B 11 -16.75 2.80 7.36
N ASP B 12 -16.19 3.67 8.22
CA ASP B 12 -14.75 3.60 8.48
C ASP B 12 -14.33 2.40 9.31
N SER B 13 -15.28 1.70 9.95
CA SER B 13 -14.92 0.55 10.76
C SER B 13 -16.12 -0.39 10.89
N TRP B 14 -15.89 -1.61 11.41
CA TRP B 14 -16.98 -2.55 11.70
C TRP B 14 -17.87 -1.93 12.82
N SER B 15 -17.25 -1.29 13.83
CA SER B 15 -18.03 -0.70 14.94
CA SER B 15 -18.01 -0.68 14.94
C SER B 15 -18.99 0.39 14.46
N LEU B 16 -18.67 1.06 13.34
CA LEU B 16 -19.56 2.08 12.77
C LEU B 16 -20.50 1.47 11.69
N ALA B 17 -20.15 0.30 11.13
CA ALA B 17 -20.99 -0.36 10.12
C ALA B 17 -22.23 -1.06 10.76
N VAL B 18 -22.04 -1.72 11.91
CA VAL B 18 -23.15 -2.44 12.55
C VAL B 18 -24.08 -1.47 13.32
N ASP B 19 -25.30 -1.92 13.65
CA ASP B 19 -26.20 -1.09 14.46
C ASP B 19 -25.58 -0.89 15.86
N SER B 20 -25.77 0.30 16.47
CA SER B 20 -25.20 0.53 17.80
C SER B 20 -25.75 -0.45 18.85
N SER B 21 -27.04 -0.86 18.73
CA SER B 21 -27.60 -1.82 19.67
C SER B 21 -26.97 -3.22 19.53
N PHE B 22 -26.41 -3.55 18.34
CA PHE B 22 -25.72 -4.81 18.13
C PHE B 22 -24.28 -4.68 18.68
N LEU B 23 -23.61 -3.56 18.41
CA LEU B 23 -22.24 -3.32 18.90
C LEU B 23 -22.19 -3.45 20.44
N GLN B 24 -23.17 -2.85 21.12
CA GLN B 24 -23.27 -2.85 22.58
C GLN B 24 -23.30 -4.23 23.18
N GLN B 25 -23.72 -5.25 22.41
CA GLN B 25 -23.78 -6.62 22.94
C GLN B 25 -22.45 -7.34 22.97
N HIS B 26 -21.37 -6.76 22.39
CA HIS B 26 -20.08 -7.43 22.31
C HIS B 26 -18.99 -6.86 23.19
N LYS B 27 -18.07 -7.71 23.59
CA LYS B 27 -16.91 -7.28 24.36
C LYS B 27 -15.95 -6.49 23.46
N LYS B 28 -15.13 -5.64 24.10
CA LYS B 28 -14.15 -4.80 23.42
C LYS B 28 -13.21 -5.63 22.53
N GLU B 29 -12.75 -6.80 23.04
CA GLU B 29 -11.81 -7.60 22.27
C GLU B 29 -12.41 -8.08 20.95
N VAL B 30 -13.69 -8.47 20.97
CA VAL B 30 -14.38 -8.91 19.75
C VAL B 30 -14.53 -7.76 18.79
N MET B 31 -14.85 -6.56 19.29
CA MET B 31 -14.95 -5.38 18.43
C MET B 31 -13.58 -5.09 17.76
N LYS B 32 -12.47 -5.18 18.54
CA LYS B 32 -11.13 -4.91 17.94
C LYS B 32 -10.81 -5.95 16.85
N GLN B 33 -11.11 -7.24 17.12
CA GLN B 33 -10.89 -8.27 16.10
C GLN B 33 -11.75 -7.97 14.83
N GLN B 34 -13.05 -7.67 15.04
CA GLN B 34 -13.94 -7.44 13.89
C GLN B 34 -13.57 -6.21 13.06
N ASP B 35 -13.09 -5.14 13.73
CA ASP B 35 -12.66 -3.95 12.99
C ASP B 35 -11.50 -4.32 11.99
N VAL B 36 -10.53 -5.19 12.40
CA VAL B 36 -9.39 -5.50 11.49
C VAL B 36 -9.85 -6.46 10.39
N ILE B 37 -10.77 -7.42 10.72
CA ILE B 37 -11.30 -8.31 9.65
C ILE B 37 -12.05 -7.46 8.63
N TYR B 38 -12.82 -6.48 9.10
CA TYR B 38 -13.56 -5.58 8.22
C TYR B 38 -12.57 -4.81 7.29
N GLU B 39 -11.47 -4.33 7.85
CA GLU B 39 -10.46 -3.61 7.02
C GLU B 39 -9.86 -4.55 5.95
N LEU B 40 -9.64 -5.84 6.31
CA LEU B 40 -9.08 -6.79 5.32
C LEU B 40 -10.09 -6.92 4.14
N ILE B 41 -11.38 -7.13 4.47
CA ILE B 41 -12.39 -7.29 3.41
C ILE B 41 -12.60 -6.01 2.63
N GLN B 42 -12.69 -4.88 3.31
CA GLN B 42 -12.88 -3.58 2.66
C GLN B 42 -11.71 -3.30 1.68
N THR B 43 -10.45 -3.53 2.13
CA THR B 43 -9.32 -3.28 1.20
C THR B 43 -9.26 -4.31 0.08
N GLU B 44 -9.78 -5.54 0.32
CA GLU B 44 -9.83 -6.53 -0.77
C GLU B 44 -10.88 -6.08 -1.80
N LEU B 45 -12.04 -5.58 -1.32
CA LEU B 45 -13.07 -5.05 -2.26
C LEU B 45 -12.48 -3.94 -3.16
N HIS B 46 -11.70 -3.03 -2.54
CA HIS B 46 -11.06 -1.92 -3.28
C HIS B 46 -9.98 -2.44 -4.26
N HIS B 47 -9.26 -3.49 -3.86
CA HIS B 47 -8.20 -4.08 -4.70
C HIS B 47 -8.84 -4.72 -5.94
N VAL B 48 -9.99 -5.45 -5.74
CA VAL B 48 -10.69 -6.01 -6.90
C VAL B 48 -11.20 -4.88 -7.81
N ARG B 49 -11.66 -3.78 -7.20
CA ARG B 49 -12.11 -2.62 -7.96
C ARG B 49 -10.98 -1.99 -8.79
N THR B 50 -9.75 -1.94 -8.24
CA THR B 50 -8.57 -1.44 -8.98
C THR B 50 -8.33 -2.35 -10.21
N LEU B 51 -8.47 -3.68 -10.01
CA LEU B 51 -8.27 -4.61 -11.14
C LEU B 51 -9.38 -4.41 -12.20
N LYS B 52 -10.63 -4.11 -11.78
CA LYS B 52 -11.71 -3.88 -12.78
C LYS B 52 -11.48 -2.57 -13.54
N ILE B 53 -10.91 -1.54 -12.88
CA ILE B 53 -10.55 -0.30 -13.61
C ILE B 53 -9.50 -0.66 -14.69
N MET B 54 -8.49 -1.46 -14.33
CA MET B 54 -7.46 -1.87 -15.29
C MET B 54 -8.03 -2.68 -16.45
N THR B 55 -8.90 -3.67 -16.15
CA THR B 55 -9.42 -4.53 -17.25
C THR B 55 -10.51 -3.84 -18.06
N ARG B 56 -11.53 -3.29 -17.39
CA ARG B 56 -12.70 -2.76 -18.07
C ARG B 56 -12.55 -1.34 -18.55
N LEU B 57 -11.96 -0.45 -17.72
CA LEU B 57 -11.88 0.96 -18.16
C LEU B 57 -10.69 1.16 -19.10
N PHE B 58 -9.49 0.77 -18.66
CA PHE B 58 -8.30 1.03 -19.47
C PHE B 58 -8.08 0.02 -20.59
N ARG B 59 -7.87 -1.25 -20.25
CA ARG B 59 -7.53 -2.27 -21.26
C ARG B 59 -8.56 -2.37 -22.37
N THR B 60 -9.82 -2.63 -21.98
CA THR B 60 -10.88 -2.78 -22.96
C THR B 60 -11.14 -1.47 -23.71
N GLY B 61 -11.06 -0.31 -23.03
CA GLY B 61 -11.23 0.96 -23.71
C GLY B 61 -10.17 1.19 -24.78
N MET B 62 -8.92 0.79 -24.51
CA MET B 62 -7.84 0.96 -25.50
C MET B 62 -8.06 0.03 -26.68
N LEU B 63 -8.49 -1.22 -26.44
CA LEU B 63 -8.74 -2.14 -27.55
C LEU B 63 -9.92 -1.66 -28.40
N GLU B 64 -10.94 -1.09 -27.77
CA GLU B 64 -12.14 -0.65 -28.48
C GLU B 64 -12.12 0.73 -29.15
N GLU B 65 -11.28 1.67 -28.66
N GLU B 65 -11.56 1.75 -28.49
CA GLU B 65 -11.16 3.03 -29.23
CA GLU B 65 -11.62 3.12 -29.02
C GLU B 65 -9.86 3.33 -30.00
C GLU B 65 -10.34 3.58 -29.68
N LEU B 66 -8.73 2.79 -29.54
N LEU B 66 -9.21 2.97 -29.32
CA LEU B 66 -7.43 3.12 -30.14
CA LEU B 66 -7.93 3.31 -29.95
C LEU B 66 -6.88 2.11 -31.14
C LEU B 66 -7.50 2.25 -30.96
N HIS B 67 -5.87 2.52 -31.94
N HIS B 67 -8.14 1.06 -30.96
CA HIS B 67 -5.26 1.65 -32.94
CA HIS B 67 -7.80 -0.10 -31.80
C HIS B 67 -3.84 1.30 -32.52
C HIS B 67 -6.32 -0.44 -31.67
N LEU B 68 -3.64 0.87 -31.26
N LEU B 68 -5.77 -0.28 -30.46
CA LEU B 68 -2.31 0.52 -30.78
CA LEU B 68 -4.37 -0.56 -30.18
C LEU B 68 -1.77 -0.72 -31.50
C LEU B 68 -4.08 -2.03 -30.38
N GLU B 69 -0.45 -0.82 -31.63
N GLU B 69 -2.84 -2.34 -30.76
CA GLU B 69 0.18 -1.98 -32.26
CA GLU B 69 -2.37 -3.70 -30.98
C GLU B 69 -0.07 -3.24 -31.40
C GLU B 69 -2.46 -4.47 -29.66
N PRO B 70 -0.21 -4.44 -32.01
N PRO B 70 -3.05 -5.67 -29.69
CA PRO B 70 -0.46 -5.66 -31.20
CA PRO B 70 -3.20 -6.45 -28.45
C PRO B 70 0.61 -5.90 -30.14
C PRO B 70 -1.90 -6.66 -27.67
N GLY B 71 0.20 -6.43 -29.00
N GLY B 71 -0.78 -6.80 -28.36
CA GLY B 71 1.10 -6.70 -27.88
CA GLY B 71 0.51 -6.97 -27.70
C GLY B 71 1.42 -5.49 -27.02
C GLY B 71 0.96 -5.74 -26.94
N VAL B 72 0.91 -4.30 -27.40
N VAL B 72 0.67 -4.54 -27.48
CA VAL B 72 1.12 -3.09 -26.64
CA VAL B 72 1.02 -3.29 -26.80
C VAL B 72 0.19 -3.06 -25.42
C VAL B 72 0.20 -3.16 -25.52
N VAL B 73 -1.10 -3.40 -25.61
CA VAL B 73 -2.05 -3.39 -24.48
C VAL B 73 -1.67 -4.46 -23.41
N GLN B 74 -1.22 -5.64 -23.85
CA GLN B 74 -0.78 -6.68 -22.92
CA GLN B 74 -0.77 -6.70 -22.95
C GLN B 74 0.48 -6.22 -22.15
N GLY B 75 1.33 -5.39 -22.78
CA GLY B 75 2.53 -4.85 -22.16
C GLY B 75 2.20 -3.85 -21.07
N LEU B 76 1.11 -3.07 -21.26
CA LEU B 76 0.67 -2.08 -20.29
C LEU B 76 0.00 -2.74 -19.09
N PHE B 77 -0.78 -3.82 -19.34
CA PHE B 77 -1.56 -4.48 -18.30
C PHE B 77 -1.23 -5.98 -18.19
N PRO B 78 0.01 -6.32 -17.81
CA PRO B 78 0.38 -7.74 -17.74
C PRO B 78 -0.47 -8.50 -16.71
N CYS B 79 -0.90 -9.74 -17.03
CA CYS B 79 -1.56 -10.66 -16.08
C CYS B 79 -2.85 -10.17 -15.47
N VAL B 80 -3.45 -9.09 -15.99
CA VAL B 80 -4.64 -8.51 -15.33
CA VAL B 80 -4.63 -8.50 -15.38
C VAL B 80 -5.84 -9.45 -15.28
N ASP B 81 -6.05 -10.28 -16.30
CA ASP B 81 -7.20 -11.22 -16.24
C ASP B 81 -6.97 -12.28 -15.15
N GLU B 82 -5.74 -12.79 -15.04
CA GLU B 82 -5.40 -13.81 -14.05
CA GLU B 82 -5.44 -13.80 -14.03
C GLU B 82 -5.52 -13.23 -12.63
N LEU B 83 -5.01 -11.99 -12.43
CA LEU B 83 -5.08 -11.32 -11.14
C LEU B 83 -6.56 -11.10 -10.75
N SER B 84 -7.38 -10.67 -11.73
CA SER B 84 -8.81 -10.43 -11.46
C SER B 84 -9.47 -11.75 -11.03
N ASP B 85 -9.17 -12.88 -11.71
CA ASP B 85 -9.79 -14.17 -11.35
C ASP B 85 -9.37 -14.60 -9.94
N ILE B 86 -8.07 -14.43 -9.61
CA ILE B 86 -7.61 -14.82 -8.26
C ILE B 86 -8.35 -14.02 -7.15
N HIS B 87 -8.34 -12.67 -7.27
CA HIS B 87 -8.85 -11.82 -6.21
C HIS B 87 -10.38 -11.77 -6.18
N THR B 88 -11.04 -11.89 -7.35
CA THR B 88 -12.52 -11.88 -7.35
C THR B 88 -13.01 -13.16 -6.63
N ARG B 89 -12.32 -14.31 -6.85
CA ARG B 89 -12.71 -15.53 -6.18
C ARG B 89 -12.46 -15.41 -4.68
N PHE B 90 -11.30 -14.83 -4.29
CA PHE B 90 -10.99 -14.69 -2.86
C PHE B 90 -12.03 -13.76 -2.19
N LEU B 91 -12.35 -12.64 -2.87
CA LEU B 91 -13.33 -11.66 -2.34
C LEU B 91 -14.70 -12.36 -2.21
N SER B 92 -15.07 -13.20 -3.19
CA SER B 92 -16.36 -13.90 -3.12
CA SER B 92 -16.34 -13.92 -3.14
C SER B 92 -16.43 -14.76 -1.85
N GLN B 93 -15.34 -15.43 -1.51
CA GLN B 93 -15.31 -16.27 -0.29
C GLN B 93 -15.40 -15.42 0.98
N LEU B 94 -14.66 -14.27 1.02
CA LEU B 94 -14.75 -13.39 2.19
C LEU B 94 -16.18 -12.84 2.37
N LEU B 95 -16.82 -12.37 1.27
CA LEU B 95 -18.15 -11.77 1.37
C LEU B 95 -19.19 -12.86 1.71
N GLU B 96 -18.98 -14.10 1.22
CA GLU B 96 -19.96 -15.18 1.57
C GLU B 96 -19.84 -15.56 3.08
N ARG B 97 -18.62 -15.51 3.63
CA ARG B 97 -18.42 -15.79 5.06
C ARG B 97 -19.16 -14.71 5.90
N ARG B 98 -19.04 -13.44 5.49
CA ARG B 98 -19.76 -12.36 6.17
C ARG B 98 -21.29 -12.57 6.03
N ARG B 99 -21.76 -12.85 4.80
CA ARG B 99 -23.18 -12.99 4.56
CA ARG B 99 -23.18 -13.01 4.53
C ARG B 99 -23.81 -14.12 5.39
N GLN B 100 -23.13 -15.28 5.46
CA GLN B 100 -23.64 -16.40 6.29
C GLN B 100 -23.70 -16.03 7.76
N ALA B 101 -22.81 -15.12 8.22
CA ALA B 101 -22.77 -14.70 9.64
C ALA B 101 -23.82 -13.63 10.01
N LEU B 102 -24.57 -13.08 9.03
CA LEU B 102 -25.55 -12.03 9.35
C LEU B 102 -26.66 -12.56 10.26
N CYS B 103 -27.15 -11.72 11.19
CA CYS B 103 -28.32 -12.10 11.97
C CYS B 103 -29.53 -12.11 11.06
N PRO B 104 -30.50 -13.00 11.30
CA PRO B 104 -31.75 -12.93 10.54
C PRO B 104 -32.42 -11.57 10.77
N GLY B 105 -32.95 -10.97 9.71
CA GLY B 105 -33.59 -9.66 9.81
C GLY B 105 -32.61 -8.50 9.65
N SER B 106 -31.32 -8.82 9.42
CA SER B 106 -30.31 -7.78 9.27
C SER B 106 -29.48 -7.96 8.02
N THR B 107 -29.07 -6.85 7.39
CA THR B 107 -28.12 -6.93 6.28
C THR B 107 -26.77 -6.28 6.74
N ARG B 108 -26.60 -5.93 8.04
CA ARG B 108 -25.36 -5.29 8.47
C ARG B 108 -24.74 -5.89 9.74
N ASN B 109 -25.53 -6.60 10.57
CA ASN B 109 -25.04 -7.13 11.84
C ASN B 109 -24.52 -8.56 11.74
N PHE B 110 -23.19 -8.72 11.92
CA PHE B 110 -22.54 -10.01 11.85
C PHE B 110 -21.24 -10.01 12.67
N VAL B 111 -20.77 -11.21 13.02
CA VAL B 111 -19.45 -11.43 13.63
C VAL B 111 -18.80 -12.60 12.86
N ILE B 112 -17.57 -12.44 12.34
CA ILE B 112 -16.87 -13.55 11.69
C ILE B 112 -15.91 -14.13 12.76
N HIS B 113 -16.20 -15.35 13.19
CA HIS B 113 -15.37 -16.01 14.20
C HIS B 113 -14.29 -16.92 13.60
N ARG B 114 -14.43 -17.35 12.31
N ARG B 114 -14.52 -17.36 12.37
CA ARG B 114 -13.55 -18.37 11.70
CA ARG B 114 -13.66 -18.25 11.66
C ARG B 114 -12.77 -18.02 10.41
C ARG B 114 -13.25 -17.58 10.38
N LEU B 115 -12.17 -16.87 10.38
N LEU B 115 -12.04 -17.06 10.38
CA LEU B 115 -11.42 -16.42 9.21
CA LEU B 115 -11.42 -16.45 9.20
C LEU B 115 -10.15 -17.25 8.86
C LEU B 115 -10.15 -17.25 8.85
N GLY B 116 -9.45 -17.75 9.86
CA GLY B 116 -8.21 -18.49 9.65
C GLY B 116 -8.24 -19.60 8.61
N ASP B 117 -9.29 -20.44 8.64
CA ASP B 117 -9.37 -21.56 7.69
CA ASP B 117 -9.38 -21.55 7.70
C ASP B 117 -9.49 -21.06 6.26
N LEU B 118 -10.20 -19.97 6.06
CA LEU B 118 -10.39 -19.37 4.72
C LEU B 118 -9.01 -18.87 4.24
N LEU B 119 -8.25 -18.21 5.12
CA LEU B 119 -6.92 -17.70 4.73
C LEU B 119 -5.95 -18.85 4.45
N ILE B 120 -6.00 -19.95 5.25
CA ILE B 120 -5.12 -21.11 4.98
C ILE B 120 -5.42 -21.66 3.59
N SER B 121 -6.73 -21.78 3.25
CA SER B 121 -7.12 -22.30 1.94
CA SER B 121 -7.14 -22.29 1.95
C SER B 121 -6.61 -21.38 0.82
N GLN B 122 -6.80 -20.05 0.96
CA GLN B 122 -6.33 -19.14 -0.06
C GLN B 122 -4.79 -19.22 -0.29
N PHE B 123 -4.03 -19.34 0.81
CA PHE B 123 -2.58 -19.27 0.72
C PHE B 123 -1.90 -20.66 0.79
N SER B 124 -2.62 -21.72 0.39
CA SER B 124 -2.01 -23.05 0.27
C SER B 124 -2.54 -23.73 -1.02
N GLY B 125 -1.90 -24.84 -1.43
CA GLY B 125 -2.35 -25.59 -2.60
C GLY B 125 -2.31 -24.87 -3.93
N PRO B 126 -3.10 -25.35 -4.90
CA PRO B 126 -3.11 -24.72 -6.24
C PRO B 126 -3.35 -23.21 -6.25
N SER B 127 -4.25 -22.68 -5.38
CA SER B 127 -4.50 -21.24 -5.41
C SER B 127 -3.20 -20.47 -5.00
N ALA B 128 -2.41 -21.01 -4.04
CA ALA B 128 -1.16 -20.32 -3.68
C ALA B 128 -0.13 -20.41 -4.82
N GLU B 129 -0.06 -21.57 -5.50
CA GLU B 129 0.88 -21.73 -6.63
C GLU B 129 0.50 -20.75 -7.75
N GLN B 130 -0.81 -20.56 -7.99
CA GLN B 130 -1.26 -19.61 -9.01
CA GLN B 130 -1.30 -19.62 -8.99
C GLN B 130 -0.93 -18.17 -8.59
N MET B 131 -1.13 -17.81 -7.30
CA MET B 131 -0.78 -16.44 -6.85
C MET B 131 0.73 -16.22 -7.01
N CYS B 132 1.53 -17.22 -6.62
CA CYS B 132 2.99 -17.09 -6.73
C CYS B 132 3.43 -16.89 -8.18
N LYS B 133 2.91 -17.73 -9.08
CA LYS B 133 3.30 -17.61 -10.51
C LYS B 133 2.86 -16.27 -11.12
N THR B 134 1.62 -15.84 -10.79
CA THR B 134 1.06 -14.62 -11.38
C THR B 134 1.77 -13.37 -10.85
N TYR B 135 2.02 -13.28 -9.51
CA TYR B 135 2.75 -12.10 -8.99
C TYR B 135 4.21 -12.08 -9.41
N SER B 136 4.84 -13.29 -9.58
CA SER B 136 6.26 -13.29 -10.02
C SER B 136 6.34 -12.69 -11.46
N GLU B 137 5.36 -13.05 -12.30
CA GLU B 137 5.29 -12.53 -13.67
CA GLU B 137 5.33 -12.50 -13.66
C GLU B 137 4.92 -11.02 -13.65
N PHE B 138 3.85 -10.66 -12.90
CA PHE B 138 3.40 -9.27 -12.85
C PHE B 138 4.50 -8.32 -12.35
N CYS B 139 5.09 -8.65 -11.20
CA CYS B 139 6.09 -7.80 -10.60
C CYS B 139 7.36 -7.72 -11.42
N SER B 140 7.69 -8.81 -12.17
CA SER B 140 8.86 -8.71 -13.08
C SER B 140 8.58 -7.86 -14.34
N ARG B 141 7.28 -7.61 -14.64
CA ARG B 141 6.88 -6.82 -15.80
C ARG B 141 6.43 -5.38 -15.48
N HIS B 142 6.52 -5.01 -14.19
CA HIS B 142 6.03 -3.75 -13.65
C HIS B 142 6.78 -2.55 -14.25
N SER B 143 8.13 -2.55 -14.19
CA SER B 143 8.90 -1.41 -14.73
CA SER B 143 8.92 -1.44 -14.72
C SER B 143 8.67 -1.23 -16.24
N LYS B 144 8.57 -2.34 -16.98
CA LYS B 144 8.35 -2.29 -18.43
C LYS B 144 6.99 -1.67 -18.74
N ALA B 145 5.96 -2.01 -17.92
CA ALA B 145 4.63 -1.45 -18.11
C ALA B 145 4.67 0.08 -17.93
N LEU B 146 5.34 0.55 -16.85
CA LEU B 146 5.42 2.00 -16.61
C LEU B 146 6.13 2.74 -17.73
N LYS B 147 7.23 2.17 -18.25
CA LYS B 147 7.98 2.82 -19.34
C LYS B 147 7.18 2.85 -20.62
N LEU B 148 6.43 1.77 -20.91
CA LEU B 148 5.60 1.72 -22.11
C LEU B 148 4.51 2.77 -22.03
N TYR B 149 3.91 2.92 -20.83
CA TYR B 149 2.86 3.93 -20.62
C TYR B 149 3.41 5.32 -20.88
N LYS B 150 4.57 5.62 -20.28
CA LYS B 150 5.18 6.95 -20.42
C LYS B 150 5.51 7.27 -21.85
N GLU B 151 6.01 6.29 -22.59
CA GLU B 151 6.35 6.46 -24.00
CA GLU B 151 6.35 6.48 -24.01
C GLU B 151 5.11 6.79 -24.84
N LEU B 152 4.04 6.01 -24.66
CA LEU B 152 2.79 6.22 -25.41
C LEU B 152 2.14 7.56 -25.07
N TYR B 153 2.15 7.94 -23.78
CA TYR B 153 1.53 9.21 -23.37
C TYR B 153 2.30 10.39 -23.98
N ALA B 154 3.62 10.29 -24.08
CA ALA B 154 4.42 11.40 -24.61
C ALA B 154 4.37 11.54 -26.11
N ARG B 155 4.11 10.44 -26.83
CA ARG B 155 4.18 10.47 -28.29
CA ARG B 155 4.20 10.39 -28.29
C ARG B 155 2.87 10.29 -29.06
N ASP B 156 1.84 9.70 -28.44
CA ASP B 156 0.58 9.46 -29.14
C ASP B 156 -0.58 10.35 -28.64
N LYS B 157 -1.03 11.27 -29.52
CA LYS B 157 -2.09 12.22 -29.24
C LYS B 157 -3.41 11.55 -28.87
N ARG B 158 -3.84 10.55 -29.64
CA ARG B 158 -5.10 9.86 -29.37
C ARG B 158 -4.98 9.09 -28.01
N PHE B 159 -3.79 8.53 -27.70
CA PHE B 159 -3.59 7.82 -26.41
C PHE B 159 -3.71 8.83 -25.25
N GLN B 160 -3.06 9.99 -25.38
CA GLN B 160 -3.12 11.04 -24.37
C GLN B 160 -4.57 11.50 -24.14
N GLN B 161 -5.33 11.73 -25.26
CA GLN B 161 -6.73 12.17 -25.11
C GLN B 161 -7.56 11.10 -24.41
N PHE B 162 -7.33 9.81 -24.75
CA PHE B 162 -8.07 8.69 -24.13
C PHE B 162 -7.80 8.69 -22.60
N ILE B 163 -6.50 8.75 -22.21
CA ILE B 163 -6.15 8.74 -20.78
C ILE B 163 -6.79 9.92 -20.05
N ARG B 164 -6.60 11.15 -20.59
CA ARG B 164 -7.15 12.33 -19.94
C ARG B 164 -8.68 12.24 -19.81
N LYS B 165 -9.34 11.63 -20.80
CA LYS B 165 -10.80 11.53 -20.79
C LYS B 165 -11.31 10.58 -19.69
N VAL B 166 -10.75 9.35 -19.65
CA VAL B 166 -11.25 8.35 -18.73
C VAL B 166 -10.76 8.54 -17.30
N THR B 167 -9.66 9.33 -17.08
CA THR B 167 -9.19 9.62 -15.73
C THR B 167 -9.66 10.98 -15.20
N ARG B 168 -10.43 11.74 -15.98
CA ARG B 168 -10.93 13.04 -15.52
C ARG B 168 -11.86 12.98 -14.31
N PRO B 169 -12.82 12.02 -14.24
CA PRO B 169 -13.76 12.02 -13.10
C PRO B 169 -13.05 11.96 -11.74
N ALA B 170 -13.62 12.66 -10.73
CA ALA B 170 -13.02 12.69 -9.41
C ALA B 170 -12.83 11.30 -8.78
N VAL B 171 -13.74 10.35 -9.09
CA VAL B 171 -13.61 9.00 -8.52
C VAL B 171 -12.37 8.26 -9.03
N LEU B 172 -11.72 8.72 -10.15
CA LEU B 172 -10.47 8.08 -10.64
C LEU B 172 -9.22 8.85 -10.14
N LYS B 173 -9.36 9.78 -9.18
CA LYS B 173 -8.21 10.61 -8.75
C LYS B 173 -6.96 9.82 -8.36
N ARG B 174 -7.14 8.71 -7.62
CA ARG B 174 -6.02 7.87 -7.14
C ARG B 174 -5.69 6.72 -8.11
N HIS B 175 -6.38 6.63 -9.26
CA HIS B 175 -6.32 5.45 -10.11
C HIS B 175 -5.93 5.67 -11.58
N GLY B 176 -4.89 6.48 -11.81
CA GLY B 176 -4.31 6.51 -13.14
C GLY B 176 -3.60 5.16 -13.41
N VAL B 177 -3.10 4.96 -14.64
CA VAL B 177 -2.45 3.69 -15.03
C VAL B 177 -1.29 3.32 -14.10
N GLN B 178 -0.37 4.25 -13.90
CA GLN B 178 0.81 3.93 -13.08
C GLN B 178 0.42 3.66 -11.62
N GLU B 179 -0.56 4.39 -11.11
CA GLU B 179 -1.04 4.24 -9.74
C GLU B 179 -1.68 2.86 -9.59
N CYS B 180 -2.46 2.39 -10.61
CA CYS B 180 -3.07 1.05 -10.50
C CYS B 180 -1.98 -0.03 -10.42
N ILE B 181 -0.92 0.11 -11.28
CA ILE B 181 0.15 -0.90 -11.30
C ILE B 181 0.80 -0.99 -9.94
N LEU B 182 1.15 0.18 -9.32
CA LEU B 182 1.77 0.12 -7.99
C LEU B 182 0.81 -0.36 -6.89
N LEU B 183 -0.50 0.00 -7.00
CA LEU B 183 -1.48 -0.49 -6.02
C LEU B 183 -1.53 -2.04 -6.04
N VAL B 184 -1.41 -2.63 -7.24
CA VAL B 184 -1.48 -4.10 -7.34
C VAL B 184 -0.19 -4.73 -6.78
N THR B 185 1.00 -4.19 -7.16
CA THR B 185 2.26 -4.72 -6.62
C THR B 185 2.30 -4.65 -5.09
N GLN B 186 1.79 -3.53 -4.53
CA GLN B 186 1.84 -3.39 -3.07
C GLN B 186 0.78 -4.22 -2.34
N ARG B 187 -0.23 -4.73 -3.04
CA ARG B 187 -1.33 -5.44 -2.32
C ARG B 187 -0.79 -6.64 -1.51
N ILE B 188 0.03 -7.48 -2.16
CA ILE B 188 0.48 -8.70 -1.50
C ILE B 188 1.23 -8.48 -0.19
N THR B 189 2.01 -7.37 -0.09
CA THR B 189 2.73 -7.12 1.18
C THR B 189 1.83 -6.46 2.24
N LYS B 190 0.54 -6.16 1.94
CA LYS B 190 -0.34 -5.66 3.01
C LYS B 190 -0.86 -6.87 3.85
N TYR B 191 -0.94 -8.07 3.25
CA TYR B 191 -1.59 -9.21 3.94
C TYR B 191 -0.96 -9.57 5.30
N PRO B 192 0.40 -9.68 5.45
CA PRO B 192 0.93 -10.03 6.79
C PRO B 192 0.58 -8.99 7.84
N LEU B 193 0.55 -7.70 7.47
CA LEU B 193 0.25 -6.63 8.42
CA LEU B 193 0.25 -6.65 8.45
C LEU B 193 -1.20 -6.80 8.94
N LEU B 194 -2.13 -7.06 8.01
CA LEU B 194 -3.54 -7.23 8.39
C LEU B 194 -3.72 -8.53 9.21
N ILE B 195 -3.14 -9.65 8.74
CA ILE B 195 -3.31 -10.93 9.45
C ILE B 195 -2.68 -10.89 10.85
N SER B 196 -1.49 -10.24 11.00
CA SER B 196 -0.86 -10.17 12.31
CA SER B 196 -0.87 -10.19 12.33
CA SER B 196 -0.87 -10.18 12.32
C SER B 196 -1.75 -9.41 13.30
N ARG B 197 -2.40 -8.31 12.84
CA ARG B 197 -3.22 -7.53 13.75
C ARG B 197 -4.54 -8.31 14.08
N ILE B 198 -5.07 -9.07 13.11
CA ILE B 198 -6.28 -9.92 13.41
C ILE B 198 -5.89 -10.98 14.46
N LEU B 199 -4.74 -11.60 14.27
CA LEU B 199 -4.24 -12.63 15.20
C LEU B 199 -4.06 -12.06 16.62
N GLN B 200 -3.53 -10.85 16.74
CA GLN B 200 -3.38 -10.18 18.03
C GLN B 200 -4.69 -10.13 18.85
N HIS B 201 -5.85 -10.10 18.18
CA HIS B 201 -7.16 -10.05 18.84
C HIS B 201 -7.97 -11.35 18.67
N SER B 202 -7.28 -12.48 18.36
CA SER B 202 -7.99 -13.74 18.16
C SER B 202 -7.49 -14.85 19.09
N HIS B 203 -7.09 -14.49 20.32
CA HIS B 203 -6.61 -15.50 21.26
C HIS B 203 -7.73 -16.26 22.02
N GLY B 204 -8.95 -15.74 21.99
CA GLY B 204 -10.10 -16.32 22.71
C GLY B 204 -10.43 -17.77 22.38
N ILE B 205 -10.22 -18.17 21.10
CA ILE B 205 -10.45 -19.54 20.65
CA ILE B 205 -10.46 -19.54 20.66
C ILE B 205 -9.11 -20.04 20.17
N GLU B 206 -8.54 -21.03 20.87
CA GLU B 206 -7.21 -21.53 20.51
C GLU B 206 -7.11 -22.06 19.09
N GLU B 207 -8.15 -22.75 18.59
CA GLU B 207 -8.15 -23.23 17.20
C GLU B 207 -8.00 -22.03 16.20
N GLU B 208 -8.61 -20.88 16.52
CA GLU B 208 -8.55 -19.72 15.62
C GLU B 208 -7.18 -19.09 15.67
N ARG B 209 -6.60 -18.97 16.88
CA ARG B 209 -5.24 -18.42 17.02
C ARG B 209 -4.25 -19.31 16.22
N GLN B 210 -4.40 -20.65 16.35
CA GLN B 210 -3.53 -21.56 15.61
C GLN B 210 -3.70 -21.43 14.07
N ASP B 211 -4.97 -21.34 13.62
CA ASP B 211 -5.23 -21.22 12.17
C ASP B 211 -4.66 -19.92 11.60
N LEU B 212 -4.83 -18.80 12.31
CA LEU B 212 -4.29 -17.51 11.81
C LEU B 212 -2.76 -17.54 11.87
N THR B 213 -2.16 -18.25 12.87
CA THR B 213 -0.70 -18.35 12.91
C THR B 213 -0.21 -19.15 11.67
N THR B 214 -0.92 -20.26 11.33
CA THR B 214 -0.57 -21.03 10.15
C THR B 214 -0.71 -20.16 8.87
N ALA B 215 -1.80 -19.38 8.78
CA ALA B 215 -2.06 -18.54 7.59
C ALA B 215 -0.97 -17.49 7.43
N LEU B 216 -0.54 -16.88 8.54
CA LEU B 216 0.50 -15.84 8.50
C LEU B 216 1.80 -16.43 7.94
N GLY B 217 2.14 -17.64 8.41
CA GLY B 217 3.33 -18.32 7.89
C GLY B 217 3.23 -18.62 6.41
N LEU B 218 2.03 -19.07 5.93
CA LEU B 218 1.89 -19.37 4.50
C LEU B 218 2.05 -18.10 3.65
N VAL B 219 1.45 -16.98 4.10
CA VAL B 219 1.54 -15.72 3.35
C VAL B 219 3.00 -15.27 3.27
N LYS B 220 3.74 -15.39 4.38
CA LYS B 220 5.18 -14.98 4.36
C LYS B 220 6.00 -15.90 3.42
N GLU B 221 5.65 -17.20 3.37
CA GLU B 221 6.33 -18.15 2.47
CA GLU B 221 6.34 -18.13 2.46
C GLU B 221 6.06 -17.73 1.01
N LEU B 222 4.79 -17.35 0.71
CA LEU B 222 4.40 -16.93 -0.64
C LEU B 222 5.21 -15.66 -1.00
N LEU B 223 5.22 -14.67 -0.11
CA LEU B 223 5.97 -13.43 -0.38
C LEU B 223 7.46 -13.68 -0.62
N SER B 224 8.09 -14.56 0.19
CA SER B 224 9.50 -14.85 0.00
CA SER B 224 9.49 -14.87 0.01
C SER B 224 9.76 -15.50 -1.38
N ASN B 225 8.84 -16.38 -1.84
CA ASN B 225 8.99 -17.03 -3.13
C ASN B 225 8.82 -16.02 -4.26
N VAL B 226 7.81 -15.14 -4.14
CA VAL B 226 7.59 -14.12 -5.16
C VAL B 226 8.85 -13.18 -5.26
N ASP B 227 9.31 -12.68 -4.10
CA ASP B 227 10.47 -11.79 -4.04
C ASP B 227 11.72 -12.44 -4.69
N GLU B 228 11.91 -13.76 -4.45
CA GLU B 228 13.05 -14.48 -5.03
C GLU B 228 12.90 -14.73 -6.55
N GLY B 229 11.67 -14.66 -7.06
CA GLY B 229 11.43 -14.94 -8.47
C GLY B 229 11.30 -13.73 -9.36
N ILE B 230 11.65 -12.54 -8.86
CA ILE B 230 11.54 -11.31 -9.64
C ILE B 230 12.88 -10.93 -10.28
N TYR B 231 12.84 -10.61 -11.57
CA TYR B 231 13.96 -10.02 -12.30
C TYR B 231 13.30 -9.06 -13.32
N GLN B 232 13.55 -7.74 -13.20
CA GLN B 232 12.85 -6.79 -14.07
C GLN B 232 13.17 -6.94 -15.54
N LEU B 233 12.13 -7.13 -16.35
CA LEU B 233 12.25 -7.17 -17.80
C LEU B 233 12.44 -5.73 -18.31
N GLU B 234 13.18 -5.60 -19.40
CA GLU B 234 13.41 -4.27 -19.98
C GLU B 234 13.34 -4.40 -21.48
N LYS B 235 12.52 -3.58 -22.13
CA LYS B 235 12.39 -3.57 -23.58
C LYS B 235 13.75 -3.25 -24.21
N GLY B 236 14.18 -4.06 -25.15
CA GLY B 236 15.46 -3.85 -25.81
C GLY B 236 16.68 -4.31 -25.05
N ALA B 237 16.49 -4.96 -23.86
CA ALA B 237 17.67 -5.45 -23.11
C ALA B 237 18.33 -6.57 -23.93
N ARG B 238 19.64 -6.57 -23.97
CA ARG B 238 20.38 -7.57 -24.74
C ARG B 238 20.70 -8.76 -23.86
N LEU B 239 20.89 -9.92 -24.50
CA LEU B 239 21.22 -11.15 -23.78
CA LEU B 239 21.22 -11.14 -23.76
C LEU B 239 22.48 -10.97 -22.90
N GLN B 240 23.51 -10.28 -23.44
CA GLN B 240 24.74 -10.06 -22.66
C GLN B 240 24.46 -9.35 -21.34
N GLU B 241 23.57 -8.35 -21.34
CA GLU B 241 23.22 -7.64 -20.10
C GLU B 241 22.52 -8.58 -19.11
N ILE B 242 21.70 -9.49 -19.62
CA ILE B 242 20.98 -10.44 -18.79
C ILE B 242 21.92 -11.48 -18.19
N TYR B 243 22.75 -12.18 -19.03
CA TYR B 243 23.62 -13.22 -18.47
C TYR B 243 24.76 -12.65 -17.63
N ASN B 244 25.03 -11.34 -17.69
CA ASN B 244 26.02 -10.69 -16.83
C ASN B 244 25.37 -10.09 -15.57
N ARG B 245 24.11 -10.49 -15.23
CA ARG B 245 23.39 -10.02 -14.03
C ARG B 245 24.23 -10.36 -12.80
#